data_1KPS
#
_entry.id   1KPS
#
_cell.length_a   86.531
_cell.length_b   126.509
_cell.length_c   72.639
_cell.angle_alpha   90.00
_cell.angle_beta   90.00
_cell.angle_gamma   90.00
#
_symmetry.space_group_name_H-M   'P 21 21 2'
#
loop_
_entity.id
_entity.type
_entity.pdbx_description
1 polymer 'Ubiquitin-like protein SUMO-1 conjugating enzyme'
2 polymer 'Ran-GTPase activating protein 1'
3 non-polymer 'SULFATE ION'
4 water water
#
loop_
_entity_poly.entity_id
_entity_poly.type
_entity_poly.pdbx_seq_one_letter_code
_entity_poly.pdbx_strand_id
1 'polypeptide(L)'
;SMSGIALSRLAQERKAWRKDHPFGFVAVPTKNPDGTMNLMNWECAIPGKKGTPWEGGLFKLRMLFKDDYPSSPPKCKFEP
PLFHPNVYPSGTVCLSILEEDKDWRPAITIKQILLGIQELLNEPNIQDPAQAEAYTIYCQNRVEYEKRVRAQAKKFAPS
;
A,C
2 'polypeptide(L)'
;SNSGEPAPVLSSPTPTDLSTFLSFPSPEKLLRLGPKVSVLIVQQTDTSDPEKVVSAFLKVASVFRDDASVKTAVLDAIDA
LMKKAFSCSSFNSNTFLTRLLIHMGLLKSEDKIKAIPSLHGPLMVLNHVVRQDYFPKALAPLLLAFVTKPNGALETCSFA
RHNLLQTLYNI
;
B,D
#
loop_
_chem_comp.id
_chem_comp.type
_chem_comp.name
_chem_comp.formula
SO4 non-polymer 'SULFATE ION' 'O4 S -2'
#
# COMPACT_ATOMS: atom_id res chain seq x y z
N SER A 1 13.22 3.30 -40.76
CA SER A 1 13.55 4.18 -41.90
C SER A 1 14.99 3.98 -42.37
N MET A 2 15.75 3.20 -41.59
CA MET A 2 17.14 2.90 -41.90
C MET A 2 17.53 1.54 -41.33
N SER A 3 17.10 0.48 -42.01
CA SER A 3 17.36 -0.89 -41.59
C SER A 3 18.65 -1.49 -42.11
N GLY A 4 19.49 -0.67 -42.75
CA GLY A 4 20.75 -1.16 -43.26
C GLY A 4 21.72 -1.55 -42.16
N ILE A 5 21.69 -0.78 -41.07
CA ILE A 5 22.56 -1.04 -39.91
C ILE A 5 22.00 -2.20 -39.10
N ALA A 6 20.67 -2.32 -39.10
CA ALA A 6 19.97 -3.37 -38.38
C ALA A 6 20.38 -4.73 -38.92
N LEU A 7 19.95 -5.02 -40.15
CA LEU A 7 20.26 -6.28 -40.81
C LEU A 7 21.74 -6.63 -40.73
N SER A 8 22.53 -5.66 -40.30
CA SER A 8 23.97 -5.86 -40.18
C SER A 8 24.34 -6.45 -38.83
N ARG A 9 23.80 -5.90 -37.75
CA ARG A 9 24.13 -6.42 -36.44
C ARG A 9 23.38 -7.72 -36.24
N LEU A 10 22.20 -7.83 -36.86
CA LEU A 10 21.39 -9.04 -36.76
C LEU A 10 22.11 -10.19 -37.44
N ALA A 11 23.03 -9.86 -38.35
CA ALA A 11 23.80 -10.85 -39.08
C ALA A 11 25.00 -11.34 -38.27
N GLN A 12 25.66 -10.42 -37.56
CA GLN A 12 26.82 -10.77 -36.75
C GLN A 12 26.32 -11.33 -35.42
N GLU A 13 25.06 -11.05 -35.12
CA GLU A 13 24.44 -11.53 -33.90
C GLU A 13 24.07 -12.98 -34.19
N ARG A 14 23.61 -13.22 -35.42
CA ARG A 14 23.23 -14.56 -35.87
C ARG A 14 24.45 -15.47 -35.86
N LYS A 15 25.62 -14.89 -36.10
CA LYS A 15 26.87 -15.64 -36.12
C LYS A 15 27.32 -15.93 -34.70
N ALA A 16 27.48 -14.88 -33.91
CA ALA A 16 27.92 -15.00 -32.54
C ALA A 16 27.14 -16.05 -31.77
N TRP A 17 25.83 -16.10 -32.02
CA TRP A 17 24.96 -17.05 -31.35
C TRP A 17 25.29 -18.47 -31.74
N ARG A 18 25.64 -18.68 -33.00
CA ARG A 18 25.96 -20.02 -33.50
C ARG A 18 27.30 -20.56 -33.00
N LYS A 19 28.31 -19.70 -32.90
CA LYS A 19 29.61 -20.16 -32.43
C LYS A 19 29.54 -20.68 -30.98
N ASP A 20 28.52 -20.23 -30.24
CA ASP A 20 28.35 -20.66 -28.85
C ASP A 20 27.09 -20.09 -28.19
N HIS A 21 26.06 -20.91 -28.05
CA HIS A 21 24.81 -20.51 -27.42
C HIS A 21 24.47 -21.47 -26.29
N PRO A 22 23.70 -21.00 -25.30
CA PRO A 22 23.32 -21.81 -24.15
C PRO A 22 22.57 -23.10 -24.49
N PHE A 23 22.82 -24.13 -23.69
CA PHE A 23 22.21 -25.43 -23.88
C PHE A 23 20.69 -25.43 -23.91
N GLY A 24 20.13 -26.23 -24.82
CA GLY A 24 18.69 -26.35 -24.92
C GLY A 24 18.01 -25.10 -25.47
N PHE A 25 18.74 -23.99 -25.48
CA PHE A 25 18.20 -22.76 -25.98
C PHE A 25 18.14 -22.72 -27.51
N VAL A 26 17.18 -21.97 -28.03
CA VAL A 26 17.02 -21.86 -29.46
C VAL A 26 16.76 -20.42 -29.87
N ALA A 27 17.43 -20.00 -30.94
CA ALA A 27 17.32 -18.66 -31.48
C ALA A 27 17.69 -18.67 -32.96
N VAL A 28 16.68 -18.62 -33.83
CA VAL A 28 16.91 -18.64 -35.27
C VAL A 28 15.97 -17.75 -36.08
N PRO A 29 16.51 -17.03 -37.09
CA PRO A 29 15.76 -16.13 -37.97
C PRO A 29 14.71 -16.87 -38.77
N THR A 30 13.49 -16.36 -38.78
CA THR A 30 12.41 -16.99 -39.51
C THR A 30 12.66 -16.90 -41.01
N LYS A 31 11.83 -17.57 -41.81
CA LYS A 31 11.98 -17.55 -43.26
C LYS A 31 10.84 -16.77 -43.92
N ASN A 32 11.21 -15.87 -44.84
CA ASN A 32 10.23 -15.07 -45.54
C ASN A 32 9.45 -15.96 -46.48
N PRO A 33 8.16 -15.65 -46.71
CA PRO A 33 7.25 -16.39 -47.59
C PRO A 33 7.87 -16.78 -48.94
N ASP A 34 8.97 -16.11 -49.31
CA ASP A 34 9.66 -16.39 -50.56
C ASP A 34 10.72 -17.45 -50.36
N GLY A 35 11.30 -17.49 -49.16
CA GLY A 35 12.31 -18.49 -48.88
C GLY A 35 13.57 -17.90 -48.29
N THR A 36 13.76 -16.60 -48.45
CA THR A 36 14.95 -15.92 -47.92
C THR A 36 14.80 -15.69 -46.41
N MET A 37 15.93 -15.57 -45.73
CA MET A 37 15.96 -15.36 -44.29
C MET A 37 15.39 -13.98 -43.91
N ASN A 38 15.06 -13.82 -42.63
CA ASN A 38 14.51 -12.58 -42.11
C ASN A 38 15.12 -12.38 -40.74
N LEU A 39 16.18 -11.58 -40.68
CA LEU A 39 16.87 -11.32 -39.42
C LEU A 39 16.08 -10.37 -38.52
N MET A 40 14.90 -9.95 -38.98
CA MET A 40 14.05 -9.04 -38.24
C MET A 40 13.18 -9.78 -37.23
N ASN A 41 12.55 -10.85 -37.70
CA ASN A 41 11.67 -11.68 -36.88
C ASN A 41 12.36 -12.99 -36.53
N TRP A 42 12.60 -13.23 -35.25
CA TRP A 42 13.27 -14.46 -34.80
C TRP A 42 12.41 -15.37 -33.94
N GLU A 43 12.60 -16.67 -34.08
CA GLU A 43 11.89 -17.66 -33.29
C GLU A 43 12.89 -18.27 -32.31
N CYS A 44 12.60 -18.14 -31.03
CA CYS A 44 13.50 -18.64 -30.00
C CYS A 44 12.82 -19.62 -29.04
N ALA A 45 13.62 -20.10 -28.11
CA ALA A 45 13.14 -21.04 -27.10
C ALA A 45 14.06 -20.97 -25.90
N ILE A 46 13.48 -21.03 -24.72
CA ILE A 46 14.25 -20.98 -23.49
C ILE A 46 13.82 -22.16 -22.63
N PRO A 47 14.78 -23.00 -22.21
CA PRO A 47 14.39 -24.12 -21.38
C PRO A 47 14.49 -23.68 -19.91
N GLY A 48 13.56 -24.18 -19.10
CA GLY A 48 13.51 -23.82 -17.70
C GLY A 48 14.84 -23.99 -17.01
N LYS A 49 15.21 -23.02 -16.19
CA LYS A 49 16.46 -23.08 -15.46
C LYS A 49 16.33 -24.35 -14.62
N LYS A 50 17.33 -25.22 -14.71
CA LYS A 50 17.32 -26.47 -13.97
C LYS A 50 17.30 -26.21 -12.47
N GLY A 51 16.44 -26.93 -11.75
CA GLY A 51 16.35 -26.75 -10.31
C GLY A 51 15.16 -25.90 -9.93
N THR A 52 14.65 -25.14 -10.89
CA THR A 52 13.49 -24.29 -10.64
C THR A 52 12.26 -25.07 -11.10
N PRO A 53 11.06 -24.56 -10.78
CA PRO A 53 9.86 -25.30 -11.20
C PRO A 53 9.61 -25.13 -12.68
N TRP A 54 10.52 -24.44 -13.37
CA TRP A 54 10.40 -24.19 -14.81
C TRP A 54 11.16 -25.27 -15.57
N GLU A 55 11.93 -26.02 -14.80
CA GLU A 55 12.77 -27.10 -15.28
C GLU A 55 12.08 -28.09 -16.22
N GLY A 56 12.70 -28.30 -17.37
CA GLY A 56 12.16 -29.23 -18.34
C GLY A 56 11.19 -28.64 -19.34
N GLY A 57 10.78 -27.41 -19.11
CA GLY A 57 9.85 -26.78 -20.02
C GLY A 57 10.58 -26.01 -21.11
N LEU A 58 10.00 -26.04 -22.31
CA LEU A 58 10.57 -25.31 -23.43
C LEU A 58 9.63 -24.16 -23.72
N PHE A 59 10.12 -22.95 -23.51
CA PHE A 59 9.30 -21.78 -23.69
C PHE A 59 9.70 -20.99 -24.94
N LYS A 60 8.78 -20.98 -25.89
CA LYS A 60 8.99 -20.32 -27.16
C LYS A 60 8.54 -18.86 -27.17
N LEU A 61 9.43 -17.98 -27.60
CA LEU A 61 9.12 -16.57 -27.69
C LEU A 61 9.64 -16.03 -29.00
N ARG A 62 8.99 -14.99 -29.49
CA ARG A 62 9.36 -14.38 -30.75
C ARG A 62 10.16 -13.11 -30.45
N MET A 63 11.16 -12.84 -31.29
CA MET A 63 11.99 -11.65 -31.14
C MET A 63 11.88 -10.82 -32.40
N LEU A 64 11.14 -9.73 -32.30
CA LEU A 64 10.92 -8.82 -33.42
C LEU A 64 11.82 -7.61 -33.20
N PHE A 65 12.57 -7.24 -34.24
CA PHE A 65 13.45 -6.10 -34.14
C PHE A 65 12.98 -4.97 -35.04
N LYS A 66 13.03 -3.75 -34.52
CA LYS A 66 12.61 -2.59 -35.30
C LYS A 66 13.76 -2.18 -36.22
N ASP A 67 13.54 -1.13 -37.01
CA ASP A 67 14.57 -0.64 -37.92
C ASP A 67 15.55 0.15 -37.07
N ASP A 68 15.21 0.30 -35.80
CA ASP A 68 16.03 1.05 -34.84
C ASP A 68 17.19 0.25 -34.28
N TYR A 69 16.97 -1.05 -34.09
CA TYR A 69 18.00 -1.94 -33.54
C TYR A 69 19.38 -1.59 -34.09
N PRO A 70 20.40 -1.55 -33.22
CA PRO A 70 20.37 -1.81 -31.77
C PRO A 70 20.02 -0.59 -30.91
N SER A 71 19.74 0.54 -31.55
CA SER A 71 19.41 1.75 -30.80
C SER A 71 18.27 1.41 -29.84
N SER A 72 17.42 0.47 -30.26
CA SER A 72 16.29 0.04 -29.46
C SER A 72 16.27 -1.48 -29.25
N PRO A 73 15.75 -1.93 -28.09
CA PRO A 73 15.70 -3.36 -27.79
C PRO A 73 14.60 -4.02 -28.61
N PRO A 74 14.68 -5.34 -28.79
CA PRO A 74 13.66 -6.05 -29.56
C PRO A 74 12.41 -6.27 -28.71
N LYS A 75 11.33 -6.70 -29.34
CA LYS A 75 10.13 -6.98 -28.58
C LYS A 75 10.04 -8.50 -28.49
N CYS A 76 10.23 -9.02 -27.28
CA CYS A 76 10.17 -10.44 -27.03
C CYS A 76 8.77 -10.84 -26.57
N LYS A 77 8.12 -11.67 -27.35
CA LYS A 77 6.76 -12.10 -27.03
C LYS A 77 6.65 -13.61 -26.94
N PHE A 78 6.17 -14.12 -25.81
CA PHE A 78 6.01 -15.56 -25.63
C PHE A 78 4.85 -16.07 -26.46
N GLU A 79 5.10 -17.11 -27.25
CA GLU A 79 4.08 -17.72 -28.08
C GLU A 79 3.92 -19.18 -27.65
N PRO A 80 2.83 -19.50 -26.93
CA PRO A 80 1.73 -18.64 -26.49
C PRO A 80 2.13 -17.81 -25.26
N PRO A 81 1.23 -16.95 -24.78
CA PRO A 81 1.56 -16.14 -23.60
C PRO A 81 1.71 -17.06 -22.40
N LEU A 82 2.55 -16.70 -21.44
CA LEU A 82 2.76 -17.53 -20.27
C LEU A 82 2.14 -16.97 -19.00
N PHE A 83 1.86 -17.88 -18.07
CA PHE A 83 1.34 -17.52 -16.76
C PHE A 83 2.60 -17.05 -16.02
N HIS A 84 2.70 -15.75 -15.76
CA HIS A 84 3.86 -15.17 -15.08
C HIS A 84 3.59 -13.70 -14.75
N PRO A 85 3.81 -13.30 -13.50
CA PRO A 85 3.57 -11.91 -13.09
C PRO A 85 4.19 -10.80 -13.96
N ASN A 86 5.30 -11.06 -14.64
CA ASN A 86 5.87 -10.00 -15.49
C ASN A 86 5.71 -10.25 -16.99
N VAL A 87 4.65 -10.94 -17.37
CA VAL A 87 4.39 -11.19 -18.78
C VAL A 87 2.95 -10.77 -19.07
N TYR A 88 2.78 -9.86 -20.02
CA TYR A 88 1.46 -9.36 -20.39
C TYR A 88 0.60 -10.47 -20.98
N PRO A 89 -0.73 -10.33 -20.88
CA PRO A 89 -1.62 -11.35 -21.43
C PRO A 89 -1.42 -11.53 -22.95
N SER A 90 -0.84 -10.52 -23.57
CA SER A 90 -0.58 -10.56 -25.01
C SER A 90 0.57 -11.51 -25.30
N GLY A 91 1.45 -11.67 -24.32
CA GLY A 91 2.59 -12.56 -24.50
C GLY A 91 3.87 -11.79 -24.28
N THR A 92 3.80 -10.50 -24.59
CA THR A 92 4.94 -9.61 -24.44
C THR A 92 5.59 -9.75 -23.06
N VAL A 93 6.91 -9.64 -23.02
CA VAL A 93 7.64 -9.78 -21.76
C VAL A 93 8.01 -8.40 -21.24
N CYS A 94 7.81 -8.20 -19.95
CA CYS A 94 8.11 -6.93 -19.32
C CYS A 94 9.38 -7.07 -18.48
N LEU A 95 10.51 -6.74 -19.10
CA LEU A 95 11.81 -6.81 -18.44
C LEU A 95 12.51 -5.47 -18.58
N SER A 96 13.18 -5.03 -17.52
CA SER A 96 13.87 -3.75 -17.50
C SER A 96 14.86 -3.47 -18.64
N ILE A 97 15.61 -4.49 -19.06
CA ILE A 97 16.58 -4.31 -20.13
C ILE A 97 15.99 -4.30 -21.55
N LEU A 98 14.68 -4.45 -21.66
CA LEU A 98 14.04 -4.44 -22.98
C LEU A 98 13.30 -3.15 -23.18
N GLU A 99 13.66 -2.14 -22.41
CA GLU A 99 13.05 -0.82 -22.52
C GLU A 99 14.14 0.19 -22.88
N GLU A 100 14.05 0.76 -24.07
CA GLU A 100 15.04 1.71 -24.57
C GLU A 100 15.30 2.82 -23.56
N ASP A 101 14.23 3.30 -22.94
CA ASP A 101 14.32 4.38 -21.96
C ASP A 101 14.83 3.88 -20.61
N LYS A 102 15.32 2.65 -20.58
CA LYS A 102 15.81 2.09 -19.32
C LYS A 102 17.17 1.40 -19.43
N ASP A 103 17.28 0.20 -18.86
CA ASP A 103 18.54 -0.55 -18.87
C ASP A 103 18.99 -1.17 -20.18
N TRP A 104 18.35 -0.80 -21.29
CA TRP A 104 18.72 -1.35 -22.58
C TRP A 104 19.96 -0.68 -23.16
N ARG A 105 20.80 -1.49 -23.80
CA ARG A 105 22.02 -1.03 -24.44
C ARG A 105 22.16 -1.71 -25.80
N PRO A 106 22.79 -1.03 -26.77
CA PRO A 106 22.96 -1.65 -28.08
C PRO A 106 24.02 -2.73 -27.93
N ALA A 107 24.73 -2.68 -26.80
CA ALA A 107 25.78 -3.65 -26.52
C ALA A 107 25.16 -5.01 -26.23
N ILE A 108 23.96 -4.99 -25.62
CA ILE A 108 23.24 -6.21 -25.26
C ILE A 108 23.00 -7.15 -26.43
N THR A 109 23.53 -8.36 -26.29
CA THR A 109 23.41 -9.39 -27.31
C THR A 109 22.31 -10.40 -27.01
N ILE A 110 21.76 -10.98 -28.08
CA ILE A 110 20.68 -11.95 -27.95
C ILE A 110 20.89 -12.91 -26.79
N LYS A 111 22.06 -13.55 -26.73
CA LYS A 111 22.32 -14.49 -25.66
C LYS A 111 22.01 -13.84 -24.32
N GLN A 112 22.42 -12.58 -24.18
CA GLN A 112 22.17 -11.84 -22.94
C GLN A 112 20.67 -11.65 -22.71
N ILE A 113 19.93 -11.41 -23.80
CA ILE A 113 18.50 -11.19 -23.67
C ILE A 113 17.74 -12.45 -23.26
N LEU A 114 17.94 -13.54 -23.99
CA LEU A 114 17.23 -14.78 -23.67
C LEU A 114 17.57 -15.24 -22.26
N LEU A 115 18.81 -14.99 -21.83
CA LEU A 115 19.25 -15.38 -20.49
C LEU A 115 18.61 -14.52 -19.42
N GLY A 116 18.47 -13.23 -19.74
CA GLY A 116 17.85 -12.34 -18.79
C GLY A 116 16.41 -12.78 -18.57
N ILE A 117 15.77 -13.21 -19.65
CA ILE A 117 14.39 -13.66 -19.60
C ILE A 117 14.25 -14.99 -18.87
N GLN A 118 15.28 -15.83 -18.97
CA GLN A 118 15.27 -17.10 -18.27
C GLN A 118 15.28 -16.81 -16.77
N GLU A 119 16.12 -15.87 -16.36
CA GLU A 119 16.24 -15.50 -14.96
C GLU A 119 14.95 -14.90 -14.43
N LEU A 120 14.35 -14.04 -15.23
CA LEU A 120 13.12 -13.36 -14.88
C LEU A 120 11.96 -14.30 -14.52
N LEU A 121 12.01 -15.53 -15.02
CA LEU A 121 10.95 -16.50 -14.76
C LEU A 121 10.91 -16.93 -13.31
N ASN A 122 12.07 -17.32 -12.76
CA ASN A 122 12.09 -17.77 -11.38
C ASN A 122 12.04 -16.57 -10.45
N GLU A 123 12.76 -15.51 -10.81
CA GLU A 123 12.80 -14.28 -10.00
C GLU A 123 11.98 -13.17 -10.66
N PRO A 124 10.67 -13.14 -10.38
CA PRO A 124 9.83 -12.09 -10.97
C PRO A 124 9.87 -10.75 -10.23
N ASN A 125 9.51 -9.68 -10.93
CA ASN A 125 9.46 -8.35 -10.33
C ASN A 125 7.99 -8.11 -9.98
N ILE A 126 7.58 -8.63 -8.83
CA ILE A 126 6.19 -8.49 -8.39
C ILE A 126 5.88 -7.08 -7.92
N GLN A 127 6.90 -6.25 -7.85
CA GLN A 127 6.68 -4.87 -7.43
C GLN A 127 5.90 -4.20 -8.55
N ASP A 128 6.14 -4.65 -9.77
CA ASP A 128 5.48 -4.08 -10.94
C ASP A 128 5.06 -5.14 -11.96
N PRO A 129 3.91 -5.80 -11.73
CA PRO A 129 3.39 -6.84 -12.63
C PRO A 129 2.87 -6.34 -13.95
N ALA A 130 2.73 -7.25 -14.92
CA ALA A 130 2.20 -6.92 -16.24
C ALA A 130 0.96 -7.76 -16.47
N GLN A 131 0.65 -8.61 -15.50
CA GLN A 131 -0.50 -9.49 -15.60
C GLN A 131 -1.17 -9.60 -14.25
N ALA A 132 -2.49 -9.73 -14.24
CA ALA A 132 -3.22 -9.80 -12.98
C ALA A 132 -3.30 -11.18 -12.37
N GLU A 133 -3.48 -12.19 -13.19
CA GLU A 133 -3.60 -13.55 -12.70
C GLU A 133 -2.37 -14.01 -11.95
N ALA A 134 -1.24 -14.11 -12.65
CA ALA A 134 -0.02 -14.55 -12.01
C ALA A 134 0.20 -13.75 -10.74
N TYR A 135 0.08 -12.43 -10.83
CA TYR A 135 0.26 -11.58 -9.66
C TYR A 135 -0.64 -11.98 -8.50
N THR A 136 -1.94 -11.99 -8.72
CA THR A 136 -2.88 -12.34 -7.66
C THR A 136 -2.54 -13.66 -6.97
N ILE A 137 -2.30 -14.70 -7.76
CA ILE A 137 -1.97 -16.00 -7.20
C ILE A 137 -0.66 -15.93 -6.44
N TYR A 138 0.29 -15.17 -6.98
CA TYR A 138 1.59 -15.06 -6.36
C TYR A 138 1.55 -14.48 -4.95
N CYS A 139 0.79 -13.39 -4.79
CA CYS A 139 0.68 -12.72 -3.50
C CYS A 139 -0.19 -13.43 -2.50
N GLN A 140 -1.36 -13.85 -2.96
CA GLN A 140 -2.31 -14.49 -2.09
C GLN A 140 -2.02 -15.93 -1.72
N ASN A 141 -1.65 -16.74 -2.71
CA ASN A 141 -1.36 -18.15 -2.46
C ASN A 141 -0.10 -18.58 -3.18
N ARG A 142 1.04 -18.13 -2.67
CA ARG A 142 2.34 -18.42 -3.26
C ARG A 142 2.63 -19.90 -3.56
N VAL A 143 2.00 -20.82 -2.84
CA VAL A 143 2.23 -22.23 -3.10
C VAL A 143 1.44 -22.68 -4.34
N GLU A 144 0.16 -22.30 -4.39
CA GLU A 144 -0.65 -22.63 -5.54
C GLU A 144 0.11 -22.13 -6.78
N TYR A 145 0.74 -20.98 -6.62
CA TYR A 145 1.51 -20.35 -7.70
C TYR A 145 2.54 -21.30 -8.29
N GLU A 146 3.46 -21.74 -7.45
CA GLU A 146 4.50 -22.66 -7.87
C GLU A 146 3.87 -23.89 -8.54
N LYS A 147 2.79 -24.40 -7.97
CA LYS A 147 2.12 -25.55 -8.58
C LYS A 147 1.72 -25.18 -10.00
N ARG A 148 1.14 -24.00 -10.18
CA ARG A 148 0.75 -23.56 -11.51
C ARG A 148 1.97 -23.52 -12.42
N VAL A 149 3.07 -22.99 -11.92
CA VAL A 149 4.29 -22.90 -12.73
C VAL A 149 4.77 -24.28 -13.16
N ARG A 150 4.83 -25.23 -12.23
CA ARG A 150 5.27 -26.59 -12.58
C ARG A 150 4.38 -27.21 -13.64
N ALA A 151 3.08 -27.05 -13.49
CA ALA A 151 2.14 -27.61 -14.45
C ALA A 151 2.34 -26.95 -15.81
N GLN A 152 2.81 -25.71 -15.78
CA GLN A 152 3.03 -25.00 -17.03
C GLN A 152 4.33 -25.45 -17.66
N ALA A 153 5.29 -25.85 -16.83
CA ALA A 153 6.57 -26.29 -17.35
C ALA A 153 6.39 -27.63 -18.02
N LYS A 154 5.61 -28.49 -17.36
CA LYS A 154 5.31 -29.82 -17.87
C LYS A 154 4.57 -29.68 -19.18
N LYS A 155 3.56 -28.82 -19.20
CA LYS A 155 2.80 -28.62 -20.42
C LYS A 155 3.69 -28.18 -21.59
N PHE A 156 4.83 -27.57 -21.30
CA PHE A 156 5.73 -27.14 -22.36
C PHE A 156 6.97 -27.99 -22.50
N ALA A 157 6.97 -29.14 -21.84
CA ALA A 157 8.10 -30.05 -21.93
C ALA A 157 8.09 -30.67 -23.32
N PRO A 158 9.27 -30.98 -23.86
CA PRO A 158 9.30 -31.58 -25.20
C PRO A 158 8.47 -32.86 -25.17
N SER A 159 7.52 -32.98 -26.08
CA SER A 159 6.67 -34.17 -26.09
C SER A 159 7.23 -35.26 -27.01
N THR B 16 -27.66 11.29 -28.67
CA THR B 16 -27.90 12.74 -28.95
C THR B 16 -27.42 13.62 -27.81
N ASP B 17 -28.09 13.52 -26.65
CA ASP B 17 -27.73 14.31 -25.49
C ASP B 17 -26.87 13.47 -24.55
N LEU B 18 -27.04 12.14 -24.61
CA LEU B 18 -26.26 11.22 -23.78
C LEU B 18 -24.80 11.23 -24.21
N SER B 19 -24.58 11.64 -25.46
CA SER B 19 -23.24 11.69 -26.03
C SER B 19 -22.45 12.89 -25.50
N THR B 20 -23.16 13.91 -25.05
CA THR B 20 -22.51 15.10 -24.51
C THR B 20 -22.16 14.85 -23.05
N PHE B 21 -22.83 13.87 -22.43
CA PHE B 21 -22.54 13.55 -21.05
C PHE B 21 -21.29 12.69 -20.95
N LEU B 22 -21.15 11.77 -21.91
CA LEU B 22 -20.01 10.86 -21.97
C LEU B 22 -18.73 11.55 -22.42
N SER B 23 -18.85 12.69 -23.06
CA SER B 23 -17.68 13.42 -23.53
C SER B 23 -17.09 14.21 -22.38
N PHE B 24 -17.97 14.70 -21.52
CA PHE B 24 -17.56 15.48 -20.35
C PHE B 24 -18.45 15.11 -19.16
N PRO B 25 -18.23 13.93 -18.57
CA PRO B 25 -19.03 13.49 -17.43
C PRO B 25 -19.28 14.61 -16.44
N SER B 26 -20.49 14.60 -15.87
CA SER B 26 -20.91 15.60 -14.89
C SER B 26 -22.13 15.08 -14.12
N PRO B 27 -22.17 15.36 -12.80
CA PRO B 27 -23.30 14.90 -11.98
C PRO B 27 -24.58 15.62 -12.42
N GLU B 28 -24.41 16.84 -12.92
CA GLU B 28 -25.54 17.63 -13.39
C GLU B 28 -26.03 17.06 -14.72
N LYS B 29 -25.13 16.95 -15.69
CA LYS B 29 -25.50 16.42 -16.99
C LYS B 29 -26.16 15.07 -16.83
N LEU B 30 -25.74 14.32 -15.82
CA LEU B 30 -26.31 12.99 -15.58
C LEU B 30 -27.77 13.09 -15.20
N LEU B 31 -28.06 13.93 -14.21
CA LEU B 31 -29.44 14.09 -13.75
C LEU B 31 -30.36 14.55 -14.87
N ARG B 32 -29.83 15.36 -15.77
CA ARG B 32 -30.59 15.89 -16.89
C ARG B 32 -31.04 14.83 -17.90
N LEU B 33 -30.27 13.75 -18.06
CA LEU B 33 -30.65 12.72 -19.01
C LEU B 33 -32.05 12.19 -18.74
N GLY B 34 -32.53 12.40 -17.51
CA GLY B 34 -33.86 11.96 -17.15
C GLY B 34 -33.95 10.59 -16.49
N PRO B 35 -35.13 10.20 -16.01
CA PRO B 35 -35.39 8.92 -15.35
C PRO B 35 -34.96 7.68 -16.15
N LYS B 36 -34.72 7.85 -17.43
CA LYS B 36 -34.33 6.69 -18.23
C LYS B 36 -32.85 6.60 -18.58
N VAL B 37 -31.99 7.15 -17.71
CA VAL B 37 -30.55 7.07 -17.95
C VAL B 37 -30.17 5.60 -17.90
N SER B 38 -30.89 4.86 -17.09
CA SER B 38 -30.64 3.43 -16.93
C SER B 38 -30.76 2.77 -18.28
N VAL B 39 -31.88 3.00 -18.94
CA VAL B 39 -32.13 2.41 -20.24
C VAL B 39 -31.22 2.99 -21.31
N LEU B 40 -31.05 4.31 -21.31
CA LEU B 40 -30.18 4.90 -22.33
C LEU B 40 -28.76 4.38 -22.29
N ILE B 41 -28.11 4.43 -21.13
CA ILE B 41 -26.74 3.96 -21.01
C ILE B 41 -26.63 2.53 -21.53
N VAL B 42 -27.58 1.69 -21.12
CA VAL B 42 -27.60 0.30 -21.53
C VAL B 42 -27.80 0.15 -23.03
N GLN B 43 -28.49 1.11 -23.63
CA GLN B 43 -28.74 1.06 -25.07
C GLN B 43 -27.62 1.66 -25.92
N GLN B 44 -27.21 2.88 -25.61
CA GLN B 44 -26.16 3.50 -26.39
C GLN B 44 -24.79 2.94 -26.03
N THR B 45 -24.77 1.75 -25.42
CA THR B 45 -23.51 1.12 -25.05
C THR B 45 -23.40 -0.32 -25.54
N ASP B 46 -22.27 -0.65 -26.16
CA ASP B 46 -22.05 -2.01 -26.64
C ASP B 46 -21.68 -2.86 -25.42
N THR B 47 -22.69 -3.47 -24.79
CA THR B 47 -22.44 -4.28 -23.61
C THR B 47 -21.96 -5.70 -23.89
N SER B 48 -20.94 -5.81 -24.73
CA SER B 48 -20.38 -7.10 -25.08
C SER B 48 -18.89 -6.87 -25.32
N ASP B 49 -18.53 -5.60 -25.45
CA ASP B 49 -17.14 -5.24 -25.64
C ASP B 49 -16.58 -4.74 -24.30
N PRO B 50 -15.68 -5.52 -23.68
CA PRO B 50 -15.07 -5.18 -22.39
C PRO B 50 -14.49 -3.76 -22.31
N GLU B 51 -13.79 -3.34 -23.35
CA GLU B 51 -13.20 -2.00 -23.38
C GLU B 51 -14.30 -0.95 -23.37
N LYS B 52 -15.40 -1.25 -24.08
CA LYS B 52 -16.54 -0.35 -24.13
C LYS B 52 -17.14 -0.17 -22.76
N VAL B 53 -17.60 -1.26 -22.17
CA VAL B 53 -18.22 -1.21 -20.85
C VAL B 53 -17.31 -0.50 -19.83
N VAL B 54 -16.02 -0.78 -19.88
CA VAL B 54 -15.09 -0.15 -18.95
C VAL B 54 -15.16 1.37 -19.03
N SER B 55 -15.20 1.89 -20.24
CA SER B 55 -15.29 3.32 -20.46
C SER B 55 -16.60 3.89 -19.88
N ALA B 56 -17.73 3.28 -20.24
CA ALA B 56 -19.02 3.73 -19.75
C ALA B 56 -19.08 3.61 -18.24
N PHE B 57 -18.40 2.60 -17.70
CA PHE B 57 -18.37 2.38 -16.26
C PHE B 57 -17.61 3.50 -15.58
N LEU B 58 -16.36 3.67 -15.95
CA LEU B 58 -15.52 4.70 -15.36
C LEU B 58 -16.12 6.10 -15.44
N LYS B 59 -16.67 6.43 -16.61
CA LYS B 59 -17.28 7.73 -16.83
C LYS B 59 -18.44 7.98 -15.86
N VAL B 60 -19.42 7.08 -15.91
CA VAL B 60 -20.56 7.19 -15.02
C VAL B 60 -20.01 7.19 -13.59
N ALA B 61 -19.05 6.32 -13.32
CA ALA B 61 -18.48 6.24 -11.98
C ALA B 61 -17.77 7.51 -11.52
N SER B 62 -17.30 8.34 -12.46
CA SER B 62 -16.62 9.57 -12.07
C SER B 62 -17.60 10.66 -11.68
N VAL B 63 -18.88 10.40 -11.93
CA VAL B 63 -19.95 11.35 -11.61
C VAL B 63 -20.58 11.07 -10.25
N PHE B 64 -20.20 9.94 -9.66
CA PHE B 64 -20.71 9.56 -8.35
C PHE B 64 -20.42 10.63 -7.30
N ARG B 65 -21.35 10.75 -6.34
CA ARG B 65 -21.24 11.71 -5.25
C ARG B 65 -22.20 11.29 -4.14
N ASP B 66 -21.99 11.83 -2.94
CA ASP B 66 -22.82 11.46 -1.79
C ASP B 66 -24.26 11.96 -1.82
N ASP B 67 -24.52 12.96 -2.65
CA ASP B 67 -25.86 13.52 -2.75
C ASP B 67 -26.87 12.46 -3.15
N ALA B 68 -27.87 12.28 -2.29
CA ALA B 68 -28.92 11.30 -2.50
C ALA B 68 -29.43 11.26 -3.95
N SER B 69 -29.67 12.44 -4.53
CA SER B 69 -30.17 12.50 -5.90
C SER B 69 -29.20 11.75 -6.82
N VAL B 70 -27.97 12.26 -6.90
CA VAL B 70 -26.92 11.70 -7.74
C VAL B 70 -26.53 10.26 -7.45
N LYS B 71 -26.26 9.97 -6.18
CA LYS B 71 -25.85 8.65 -5.74
C LYS B 71 -26.77 7.58 -6.27
N THR B 72 -28.07 7.84 -6.20
CA THR B 72 -29.07 6.90 -6.67
C THR B 72 -28.94 6.71 -8.16
N ALA B 73 -28.85 7.83 -8.87
CA ALA B 73 -28.71 7.80 -10.32
C ALA B 73 -27.50 6.99 -10.79
N VAL B 74 -26.32 7.33 -10.25
CA VAL B 74 -25.09 6.65 -10.65
C VAL B 74 -25.05 5.16 -10.37
N LEU B 75 -25.53 4.75 -9.20
CA LEU B 75 -25.50 3.32 -8.88
C LEU B 75 -26.54 2.53 -9.66
N ASP B 76 -27.64 3.17 -10.02
CA ASP B 76 -28.67 2.49 -10.80
C ASP B 76 -28.18 2.26 -12.22
N ALA B 77 -27.60 3.31 -12.80
CA ALA B 77 -27.06 3.25 -14.14
C ALA B 77 -26.03 2.12 -14.23
N ILE B 78 -25.12 2.10 -13.27
CA ILE B 78 -24.08 1.09 -13.22
C ILE B 78 -24.70 -0.30 -13.10
N ASP B 79 -25.67 -0.46 -12.21
CA ASP B 79 -26.33 -1.75 -12.04
C ASP B 79 -26.88 -2.22 -13.37
N ALA B 80 -27.54 -1.31 -14.09
CA ALA B 80 -28.10 -1.65 -15.39
C ALA B 80 -27.00 -2.05 -16.37
N LEU B 81 -25.96 -1.21 -16.48
CA LEU B 81 -24.84 -1.46 -17.37
C LEU B 81 -24.11 -2.77 -17.10
N MET B 82 -23.67 -2.96 -15.85
CA MET B 82 -22.93 -4.17 -15.53
C MET B 82 -23.77 -5.41 -15.48
N LYS B 83 -25.00 -5.32 -14.99
CA LYS B 83 -25.85 -6.50 -14.95
C LYS B 83 -25.94 -7.06 -16.36
N LYS B 84 -26.25 -6.20 -17.33
CA LYS B 84 -26.36 -6.67 -18.70
C LYS B 84 -25.05 -7.20 -19.24
N ALA B 85 -23.97 -6.49 -18.93
CA ALA B 85 -22.63 -6.88 -19.39
C ALA B 85 -22.19 -8.26 -18.90
N PHE B 86 -22.27 -8.48 -17.59
CA PHE B 86 -21.87 -9.74 -16.99
C PHE B 86 -22.75 -10.90 -17.43
N SER B 87 -23.90 -10.59 -18.01
CA SER B 87 -24.84 -11.61 -18.48
C SER B 87 -24.52 -12.12 -19.88
N CYS B 88 -24.09 -11.22 -20.76
CA CYS B 88 -23.77 -11.59 -22.13
C CYS B 88 -22.61 -12.58 -22.19
N SER B 89 -22.91 -13.80 -22.62
CA SER B 89 -21.92 -14.86 -22.74
C SER B 89 -20.62 -14.40 -23.41
N SER B 90 -20.74 -13.67 -24.51
CA SER B 90 -19.57 -13.19 -25.25
C SER B 90 -18.65 -12.29 -24.44
N PHE B 91 -19.22 -11.54 -23.51
CA PHE B 91 -18.46 -10.62 -22.66
C PHE B 91 -17.51 -11.35 -21.72
N ASN B 92 -16.23 -11.00 -21.79
CA ASN B 92 -15.24 -11.66 -20.93
C ASN B 92 -14.87 -10.81 -19.71
N SER B 93 -15.45 -11.17 -18.56
CA SER B 93 -15.20 -10.45 -17.30
C SER B 93 -13.72 -10.22 -16.97
N ASN B 94 -12.86 -11.20 -17.25
CA ASN B 94 -11.44 -11.02 -16.97
C ASN B 94 -10.82 -9.86 -17.72
N THR B 95 -11.25 -9.66 -18.96
CA THR B 95 -10.75 -8.57 -19.77
C THR B 95 -11.32 -7.31 -19.14
N PHE B 96 -12.59 -7.39 -18.76
CA PHE B 96 -13.23 -6.26 -18.12
C PHE B 96 -12.40 -5.79 -16.94
N LEU B 97 -12.15 -6.71 -16.02
CA LEU B 97 -11.40 -6.39 -14.82
C LEU B 97 -10.03 -5.86 -15.18
N THR B 98 -9.31 -6.64 -15.97
CA THR B 98 -7.97 -6.29 -16.41
C THR B 98 -7.92 -4.88 -16.97
N ARG B 99 -8.75 -4.61 -17.97
CA ARG B 99 -8.80 -3.28 -18.58
C ARG B 99 -9.22 -2.24 -17.56
N LEU B 100 -10.12 -2.63 -16.66
CA LEU B 100 -10.59 -1.72 -15.61
C LEU B 100 -9.40 -1.33 -14.73
N LEU B 101 -8.67 -2.32 -14.24
CA LEU B 101 -7.53 -2.02 -13.41
C LEU B 101 -6.60 -1.12 -14.20
N ILE B 102 -6.53 -1.37 -15.50
CA ILE B 102 -5.67 -0.58 -16.35
C ILE B 102 -6.07 0.89 -16.29
N HIS B 103 -7.30 1.18 -16.73
CA HIS B 103 -7.76 2.55 -16.74
C HIS B 103 -7.72 3.25 -15.39
N MET B 104 -7.83 2.50 -14.30
CA MET B 104 -7.78 3.14 -13.00
C MET B 104 -6.34 3.34 -12.64
N GLY B 105 -5.45 2.95 -13.55
CA GLY B 105 -4.02 3.07 -13.32
C GLY B 105 -3.46 2.17 -12.22
N LEU B 106 -4.13 1.07 -11.93
CA LEU B 106 -3.65 0.15 -10.91
C LEU B 106 -2.72 -0.89 -11.55
N LEU B 107 -3.01 -1.20 -12.81
CA LEU B 107 -2.28 -2.20 -13.59
C LEU B 107 -1.71 -1.60 -14.85
N LYS B 108 -0.39 -1.62 -14.99
CA LYS B 108 0.24 -1.04 -16.17
C LYS B 108 -0.22 -1.77 -17.42
N SER B 109 0.09 -1.20 -18.58
CA SER B 109 -0.33 -1.78 -19.85
C SER B 109 0.70 -1.61 -20.96
N GLU B 110 0.39 -2.21 -22.11
CA GLU B 110 1.25 -2.12 -23.27
C GLU B 110 0.93 -0.84 -24.04
N ASP B 111 -0.36 -0.60 -24.26
CA ASP B 111 -0.78 0.60 -24.97
C ASP B 111 -0.37 1.84 -24.17
N LYS B 112 -0.09 1.64 -22.88
CA LYS B 112 0.32 2.73 -21.99
C LYS B 112 -0.80 3.78 -21.86
N ILE B 113 -2.02 3.31 -21.61
CA ILE B 113 -3.17 4.20 -21.49
C ILE B 113 -3.11 5.15 -20.29
N LYS B 114 -3.53 6.39 -20.52
CA LYS B 114 -3.53 7.44 -19.48
C LYS B 114 -4.70 7.27 -18.52
N ALA B 115 -4.37 6.89 -17.28
CA ALA B 115 -5.34 6.65 -16.23
C ALA B 115 -6.24 7.83 -15.84
N ILE B 116 -7.43 7.50 -15.37
CA ILE B 116 -8.42 8.47 -14.93
C ILE B 116 -7.75 9.39 -13.90
N PRO B 117 -8.31 10.59 -13.68
CA PRO B 117 -7.74 11.54 -12.72
C PRO B 117 -7.98 11.15 -11.25
N SER B 118 -9.23 10.89 -10.92
CA SER B 118 -9.62 10.54 -9.56
C SER B 118 -10.08 9.10 -9.46
N LEU B 119 -9.95 8.51 -8.28
CA LEU B 119 -10.34 7.12 -8.06
C LEU B 119 -11.41 6.91 -6.98
N HIS B 120 -11.89 7.99 -6.38
CA HIS B 120 -12.91 7.89 -5.32
C HIS B 120 -14.25 7.38 -5.87
N GLY B 121 -14.59 7.82 -7.08
CA GLY B 121 -15.85 7.41 -7.69
C GLY B 121 -15.86 5.93 -8.00
N PRO B 122 -14.94 5.47 -8.85
CA PRO B 122 -14.94 4.04 -9.15
C PRO B 122 -14.87 3.14 -7.90
N LEU B 123 -14.09 3.55 -6.90
CA LEU B 123 -13.97 2.76 -5.68
C LEU B 123 -15.27 2.73 -4.87
N MET B 124 -16.05 3.81 -4.93
CA MET B 124 -17.30 3.83 -4.18
C MET B 124 -18.28 2.92 -4.91
N VAL B 125 -18.23 2.96 -6.24
CA VAL B 125 -19.11 2.13 -7.05
C VAL B 125 -18.67 0.67 -7.01
N LEU B 126 -17.38 0.42 -7.02
CA LEU B 126 -16.94 -0.96 -6.99
C LEU B 126 -17.45 -1.68 -5.74
N ASN B 127 -17.50 -1.00 -4.60
CA ASN B 127 -17.97 -1.67 -3.39
C ASN B 127 -19.39 -2.13 -3.60
N HIS B 128 -20.21 -1.24 -4.15
CA HIS B 128 -21.61 -1.54 -4.41
C HIS B 128 -21.68 -2.70 -5.41
N VAL B 129 -21.01 -2.52 -6.54
CA VAL B 129 -20.99 -3.52 -7.59
C VAL B 129 -20.65 -4.91 -7.07
N VAL B 130 -19.55 -5.00 -6.33
CA VAL B 130 -19.10 -6.26 -5.78
C VAL B 130 -20.07 -6.92 -4.81
N ARG B 131 -20.95 -6.12 -4.22
CA ARG B 131 -21.93 -6.62 -3.26
C ARG B 131 -23.16 -7.15 -3.98
N GLN B 132 -23.24 -6.87 -5.28
CA GLN B 132 -24.36 -7.29 -6.10
C GLN B 132 -24.23 -8.71 -6.60
N ASP B 133 -25.37 -9.34 -6.89
CA ASP B 133 -25.36 -10.70 -7.40
C ASP B 133 -24.79 -10.78 -8.81
N TYR B 134 -25.15 -9.84 -9.67
CA TYR B 134 -24.65 -9.87 -11.04
C TYR B 134 -23.13 -9.93 -11.09
N PHE B 135 -22.46 -9.61 -9.98
CA PHE B 135 -21.00 -9.65 -9.97
C PHE B 135 -20.44 -11.05 -9.82
N PRO B 136 -19.60 -11.49 -10.77
CA PRO B 136 -18.99 -12.82 -10.72
C PRO B 136 -17.91 -12.87 -9.64
N LYS B 137 -18.19 -13.62 -8.57
CA LYS B 137 -17.28 -13.73 -7.43
C LYS B 137 -15.84 -14.19 -7.67
N ALA B 138 -15.57 -14.82 -8.80
CA ALA B 138 -14.22 -15.28 -9.07
C ALA B 138 -13.32 -14.11 -9.45
N LEU B 139 -13.89 -12.91 -9.51
CA LEU B 139 -13.10 -11.75 -9.89
C LEU B 139 -12.59 -11.04 -8.64
N ALA B 140 -13.27 -11.27 -7.53
CA ALA B 140 -12.96 -10.66 -6.24
C ALA B 140 -11.48 -10.60 -5.88
N PRO B 141 -10.80 -11.76 -5.82
CA PRO B 141 -9.38 -11.82 -5.48
C PRO B 141 -8.44 -11.04 -6.40
N LEU B 142 -8.73 -11.00 -7.70
CA LEU B 142 -7.89 -10.27 -8.63
C LEU B 142 -7.97 -8.80 -8.27
N LEU B 143 -9.20 -8.35 -8.06
CA LEU B 143 -9.48 -6.96 -7.68
C LEU B 143 -8.87 -6.72 -6.31
N LEU B 144 -9.06 -7.68 -5.41
CA LEU B 144 -8.49 -7.58 -4.09
C LEU B 144 -7.00 -7.25 -4.18
N ALA B 145 -6.26 -8.10 -4.88
CA ALA B 145 -4.82 -7.95 -5.04
C ALA B 145 -4.35 -6.58 -5.51
N PHE B 146 -5.12 -5.92 -6.38
CA PHE B 146 -4.69 -4.61 -6.85
C PHE B 146 -5.22 -3.44 -6.02
N VAL B 147 -6.32 -3.68 -5.33
CA VAL B 147 -6.87 -2.63 -4.50
C VAL B 147 -6.11 -2.72 -3.21
N THR B 148 -5.64 -3.92 -2.89
CA THR B 148 -4.89 -4.13 -1.65
C THR B 148 -3.38 -4.05 -1.88
N LYS B 149 -2.98 -3.65 -3.09
CA LYS B 149 -1.56 -3.55 -3.41
C LYS B 149 -0.94 -2.36 -2.70
N PRO B 150 -0.22 -2.61 -1.60
CA PRO B 150 0.44 -1.58 -0.79
C PRO B 150 1.69 -0.96 -1.42
N ASN B 151 1.46 -0.06 -2.37
CA ASN B 151 2.47 0.69 -3.12
C ASN B 151 1.88 1.03 -4.48
N GLY B 152 0.59 0.76 -4.62
CA GLY B 152 -0.08 1.04 -5.87
C GLY B 152 -0.50 2.50 -5.91
N ALA B 153 -1.17 2.89 -6.98
CA ALA B 153 -1.64 4.27 -7.13
C ALA B 153 -2.32 4.67 -5.82
N LEU B 154 -3.06 3.75 -5.21
CA LEU B 154 -3.72 4.02 -3.93
C LEU B 154 -2.61 4.36 -2.95
N GLU B 155 -2.56 5.62 -2.53
CA GLU B 155 -1.48 6.04 -1.64
C GLU B 155 -1.79 6.34 -0.19
N THR B 156 -3.03 6.11 0.24
CA THR B 156 -3.33 6.40 1.63
C THR B 156 -4.38 5.54 2.30
N CYS B 157 -4.97 6.14 3.33
CA CYS B 157 -5.98 5.56 4.18
C CYS B 157 -7.37 5.81 3.65
N SER B 158 -7.57 5.69 2.35
CA SER B 158 -8.89 5.93 1.78
C SER B 158 -10.03 5.36 2.62
N PHE B 159 -11.18 5.97 2.47
CA PHE B 159 -12.41 5.60 3.17
C PHE B 159 -13.07 4.51 2.33
N ALA B 160 -13.20 4.78 1.04
CA ALA B 160 -13.80 3.84 0.11
C ALA B 160 -12.92 2.60 0.03
N ARG B 161 -11.61 2.80 -0.02
CA ARG B 161 -10.70 1.67 -0.08
C ARG B 161 -10.92 0.66 1.05
N HIS B 162 -11.20 1.15 2.25
CA HIS B 162 -11.41 0.26 3.38
C HIS B 162 -12.67 -0.59 3.27
N ASN B 163 -13.78 0.02 2.85
CA ASN B 163 -15.03 -0.73 2.69
C ASN B 163 -14.88 -1.79 1.61
N LEU B 164 -14.34 -1.37 0.47
CA LEU B 164 -14.11 -2.26 -0.64
C LEU B 164 -13.32 -3.44 -0.09
N LEU B 165 -12.11 -3.18 0.36
CA LEU B 165 -11.25 -4.21 0.90
C LEU B 165 -11.96 -5.10 1.90
N GLN B 166 -12.68 -4.50 2.85
CA GLN B 166 -13.38 -5.30 3.82
C GLN B 166 -14.35 -6.24 3.10
N THR B 167 -15.14 -5.70 2.18
CA THR B 167 -16.08 -6.54 1.44
C THR B 167 -15.40 -7.67 0.70
N LEU B 168 -14.27 -7.35 0.07
CA LEU B 168 -13.51 -8.30 -0.70
C LEU B 168 -12.92 -9.47 0.09
N TYR B 169 -12.37 -9.20 1.27
CA TYR B 169 -11.82 -10.28 2.07
C TYR B 169 -13.00 -11.09 2.58
N ASN B 170 -14.09 -10.41 2.90
CA ASN B 170 -15.30 -11.05 3.40
C ASN B 170 -15.86 -12.05 2.40
N ILE B 171 -15.56 -11.83 1.12
CA ILE B 171 -16.03 -12.73 0.07
C ILE B 171 -15.27 -14.06 0.14
N GLY C 4 23.89 33.90 21.33
CA GLY C 4 22.62 33.13 21.27
C GLY C 4 21.40 34.03 21.30
N ILE C 5 20.82 34.28 20.13
CA ILE C 5 19.65 35.15 20.03
C ILE C 5 18.37 34.48 20.54
N ALA C 6 18.53 33.33 21.18
CA ALA C 6 17.37 32.59 21.71
C ALA C 6 16.51 33.48 22.60
N LEU C 7 17.11 34.07 23.63
CA LEU C 7 16.37 34.93 24.54
C LEU C 7 16.02 36.30 23.96
N SER C 8 16.70 36.69 22.88
CA SER C 8 16.41 37.97 22.27
C SER C 8 15.21 37.78 21.35
N ARG C 9 15.31 36.78 20.48
CA ARG C 9 14.28 36.44 19.52
C ARG C 9 12.93 36.23 20.20
N LEU C 10 12.95 35.56 21.35
CA LEU C 10 11.72 35.30 22.07
C LEU C 10 11.11 36.56 22.65
N ALA C 11 11.95 37.54 22.99
CA ALA C 11 11.46 38.81 23.53
C ALA C 11 10.90 39.61 22.36
N GLN C 12 11.43 39.32 21.17
CA GLN C 12 11.00 39.97 19.95
C GLN C 12 9.74 39.29 19.42
N GLU C 13 9.56 38.02 19.77
CA GLU C 13 8.37 37.28 19.36
C GLU C 13 7.25 37.80 20.23
N ARG C 14 7.51 37.85 21.53
CA ARG C 14 6.55 38.35 22.49
C ARG C 14 6.11 39.71 21.99
N LYS C 15 7.11 40.54 21.71
CA LYS C 15 6.89 41.89 21.22
C LYS C 15 5.94 41.92 20.02
N ALA C 16 6.34 41.25 18.94
CA ALA C 16 5.52 41.22 17.72
C ALA C 16 4.12 40.66 17.93
N TRP C 17 4.01 39.60 18.72
CA TRP C 17 2.71 38.99 18.98
C TRP C 17 1.76 39.97 19.66
N ARG C 18 2.26 40.64 20.71
CA ARG C 18 1.44 41.61 21.45
C ARG C 18 0.79 42.60 20.49
N LYS C 19 1.57 43.08 19.53
CA LYS C 19 1.07 44.04 18.55
C LYS C 19 -0.09 43.44 17.77
N ASP C 20 0.15 42.36 17.04
CA ASP C 20 -0.90 41.74 16.24
C ASP C 20 -0.93 40.20 16.18
N HIS C 21 -1.93 39.60 16.81
CA HIS C 21 -2.08 38.14 16.82
C HIS C 21 -3.53 37.75 16.55
N PRO C 22 -3.75 36.58 15.90
CA PRO C 22 -5.10 36.11 15.58
C PRO C 22 -6.12 36.23 16.71
N PHE C 23 -7.37 36.43 16.35
CA PHE C 23 -8.45 36.56 17.33
C PHE C 23 -8.58 35.28 18.12
N GLY C 24 -8.87 35.39 19.42
CA GLY C 24 -9.04 34.21 20.25
C GLY C 24 -7.77 33.45 20.60
N PHE C 25 -6.75 33.54 19.74
CA PHE C 25 -5.50 32.85 19.97
C PHE C 25 -4.80 33.38 21.22
N VAL C 26 -3.92 32.57 21.79
CA VAL C 26 -3.19 32.97 22.99
C VAL C 26 -1.76 32.45 22.95
N ALA C 27 -0.84 33.25 23.47
CA ALA C 27 0.58 32.89 23.50
C ALA C 27 1.35 33.80 24.45
N VAL C 28 1.48 33.37 25.70
CA VAL C 28 2.18 34.17 26.70
C VAL C 28 3.24 33.36 27.42
N PRO C 29 4.47 33.90 27.52
CA PRO C 29 5.59 33.23 28.19
C PRO C 29 5.26 32.89 29.63
N THR C 30 5.50 31.65 30.03
CA THR C 30 5.23 31.21 31.38
C THR C 30 6.03 32.08 32.35
N LYS C 31 5.57 32.17 33.59
CA LYS C 31 6.25 32.98 34.58
C LYS C 31 7.04 32.15 35.57
N ASN C 32 8.36 32.39 35.61
CA ASN C 32 9.25 31.71 36.53
C ASN C 32 8.83 32.12 37.94
N PRO C 33 8.95 31.21 38.91
CA PRO C 33 8.57 31.53 40.30
C PRO C 33 9.22 32.80 40.86
N ASP C 34 10.39 33.17 40.35
CA ASP C 34 11.07 34.38 40.81
C ASP C 34 10.15 35.56 40.49
N GLY C 35 9.39 35.45 39.40
CA GLY C 35 8.48 36.49 39.00
C GLY C 35 8.59 36.87 37.53
N THR C 36 9.78 36.68 36.97
CA THR C 36 10.02 37.02 35.57
C THR C 36 9.50 35.95 34.61
N MET C 37 9.51 36.28 33.31
CA MET C 37 9.02 35.38 32.27
C MET C 37 10.01 34.34 31.78
N ASN C 38 9.51 33.14 31.52
CA ASN C 38 10.33 32.06 31.02
C ASN C 38 10.20 32.08 29.50
N LEU C 39 10.97 32.94 28.85
CA LEU C 39 10.90 33.06 27.40
C LEU C 39 11.12 31.75 26.65
N MET C 40 11.45 30.68 27.37
CA MET C 40 11.67 29.39 26.72
C MET C 40 10.40 28.55 26.70
N ASN C 41 9.57 28.76 27.71
CA ASN C 41 8.33 28.03 27.86
C ASN C 41 7.15 28.99 27.78
N TRP C 42 6.26 28.76 26.82
CA TRP C 42 5.08 29.59 26.65
C TRP C 42 3.83 28.72 26.75
N GLU C 43 2.73 29.31 27.21
CA GLU C 43 1.48 28.59 27.30
C GLU C 43 0.57 29.25 26.27
N CYS C 44 -0.04 28.45 25.41
CA CYS C 44 -0.88 29.01 24.34
C CYS C 44 -2.27 28.40 24.21
N ALA C 45 -3.01 28.94 23.24
CA ALA C 45 -4.37 28.49 22.97
C ALA C 45 -4.74 28.79 21.54
N ILE C 46 -5.32 27.79 20.89
CA ILE C 46 -5.74 27.93 19.51
C ILE C 46 -7.22 27.58 19.38
N PRO C 47 -7.99 28.43 18.68
CA PRO C 47 -9.42 28.24 18.45
C PRO C 47 -9.68 27.47 17.18
N GLY C 48 -10.61 26.51 17.26
CA GLY C 48 -10.93 25.73 16.10
C GLY C 48 -11.32 26.66 14.96
N LYS C 49 -10.85 26.37 13.75
CA LYS C 49 -11.19 27.23 12.62
C LYS C 49 -12.70 27.17 12.47
N LYS C 50 -13.29 28.31 12.10
CA LYS C 50 -14.74 28.38 11.94
C LYS C 50 -15.17 27.63 10.71
N GLY C 51 -16.29 26.92 10.82
CA GLY C 51 -16.80 26.14 9.71
C GLY C 51 -16.39 24.70 9.85
N THR C 52 -15.22 24.48 10.43
CA THR C 52 -14.68 23.14 10.64
C THR C 52 -15.27 22.59 11.91
N PRO C 53 -15.45 21.27 11.98
CA PRO C 53 -16.02 20.65 13.18
C PRO C 53 -15.25 21.01 14.45
N TRP C 54 -14.12 21.70 14.29
CA TRP C 54 -13.28 22.11 15.42
C TRP C 54 -13.67 23.47 15.98
N GLU C 55 -14.53 24.17 15.24
CA GLU C 55 -15.02 25.49 15.62
C GLU C 55 -15.54 25.61 17.06
N GLY C 56 -15.15 26.68 17.74
CA GLY C 56 -15.61 26.93 19.10
C GLY C 56 -14.71 26.39 20.19
N GLY C 57 -13.96 25.34 19.87
CA GLY C 57 -13.08 24.76 20.86
C GLY C 57 -11.86 25.62 21.09
N LEU C 58 -11.44 25.72 22.35
CA LEU C 58 -10.23 26.49 22.71
C LEU C 58 -9.25 25.41 23.05
N PHE C 59 -8.26 25.23 22.18
CA PHE C 59 -7.28 24.18 22.38
C PHE C 59 -5.94 24.73 22.86
N LYS C 60 -5.58 24.36 24.09
CA LYS C 60 -4.35 24.83 24.69
C LYS C 60 -3.19 23.92 24.39
N LEU C 61 -2.03 24.52 24.18
CA LEU C 61 -0.82 23.77 23.90
C LEU C 61 0.34 24.55 24.48
N ARG C 62 1.44 23.87 24.74
CA ARG C 62 2.61 24.50 25.31
C ARG C 62 3.76 24.56 24.31
N MET C 63 4.43 25.71 24.24
CA MET C 63 5.56 25.85 23.34
C MET C 63 6.83 25.81 24.16
N LEU C 64 7.68 24.83 23.85
CA LEU C 64 8.94 24.66 24.56
C LEU C 64 10.08 24.97 23.62
N PHE C 65 10.77 26.07 23.86
CA PHE C 65 11.89 26.44 23.01
C PHE C 65 13.22 25.95 23.60
N LYS C 66 14.09 25.47 22.73
CA LYS C 66 15.40 25.01 23.15
C LYS C 66 16.39 26.14 22.86
N ASP C 67 17.65 25.91 23.16
CA ASP C 67 18.66 26.94 22.94
C ASP C 67 19.00 27.04 21.45
N ASP C 68 18.88 25.92 20.74
CA ASP C 68 19.18 25.86 19.31
C ASP C 68 18.37 26.88 18.53
N TYR C 69 17.17 27.19 19.03
CA TYR C 69 16.26 28.16 18.40
C TYR C 69 16.97 29.49 18.21
N PRO C 70 16.70 30.19 17.09
CA PRO C 70 15.80 29.92 15.95
C PRO C 70 16.27 28.86 14.97
N SER C 71 17.38 28.21 15.28
CA SER C 71 17.93 27.17 14.41
C SER C 71 17.00 25.97 14.42
N SER C 72 16.54 25.60 15.61
CA SER C 72 15.62 24.48 15.76
C SER C 72 14.25 25.02 16.10
N PRO C 73 13.20 24.22 15.91
CA PRO C 73 11.85 24.66 16.22
C PRO C 73 11.50 24.35 17.67
N PRO C 74 10.34 24.83 18.13
CA PRO C 74 9.95 24.57 19.51
C PRO C 74 9.19 23.25 19.58
N LYS C 75 8.89 22.80 20.78
CA LYS C 75 8.14 21.56 20.95
C LYS C 75 6.76 21.93 21.47
N CYS C 76 5.81 22.12 20.55
CA CYS C 76 4.44 22.46 20.92
C CYS C 76 3.72 21.21 21.41
N LYS C 77 3.15 21.27 22.60
CA LYS C 77 2.44 20.12 23.14
C LYS C 77 1.02 20.44 23.61
N PHE C 78 0.06 19.64 23.15
CA PHE C 78 -1.33 19.83 23.54
C PHE C 78 -1.56 19.44 24.98
N GLU C 79 -2.19 20.32 25.74
CA GLU C 79 -2.47 20.04 27.13
C GLU C 79 -3.94 20.30 27.40
N PRO C 80 -4.74 19.24 27.56
CA PRO C 80 -4.32 17.84 27.51
C PRO C 80 -4.08 17.34 26.07
N PRO C 81 -3.44 16.17 25.93
CA PRO C 81 -3.19 15.63 24.60
C PRO C 81 -4.52 15.42 23.88
N LEU C 82 -4.54 15.79 22.60
CA LEU C 82 -5.75 15.68 21.79
C LEU C 82 -5.88 14.40 21.00
N PHE C 83 -7.09 14.20 20.47
CA PHE C 83 -7.43 13.07 19.62
C PHE C 83 -7.27 13.63 18.21
N HIS C 84 -6.20 13.22 17.55
CA HIS C 84 -5.87 13.69 16.21
C HIS C 84 -4.73 12.86 15.63
N PRO C 85 -4.92 12.28 14.45
CA PRO C 85 -3.85 11.46 13.85
C PRO C 85 -2.42 12.03 13.84
N ASN C 86 -2.26 13.35 13.85
CA ASN C 86 -0.90 13.92 13.85
C ASN C 86 -0.45 14.40 15.22
N VAL C 87 -1.06 13.86 16.27
CA VAL C 87 -0.73 14.23 17.65
C VAL C 87 -0.41 13.00 18.48
N TYR C 88 0.83 12.90 18.95
CA TYR C 88 1.23 11.75 19.76
C TYR C 88 0.43 11.66 21.05
N PRO C 89 0.38 10.46 21.66
CA PRO C 89 -0.33 10.23 22.92
C PRO C 89 0.27 11.11 24.00
N SER C 90 1.46 11.62 23.72
CA SER C 90 2.16 12.48 24.65
C SER C 90 1.59 13.88 24.59
N GLY C 91 0.95 14.19 23.46
CA GLY C 91 0.37 15.51 23.29
C GLY C 91 1.23 16.36 22.38
N THR C 92 2.35 15.79 21.92
CA THR C 92 3.26 16.51 21.03
C THR C 92 2.68 16.63 19.61
N VAL C 93 3.00 17.73 18.95
CA VAL C 93 2.48 17.96 17.60
C VAL C 93 3.49 17.70 16.48
N CYS C 94 3.07 16.92 15.49
CA CYS C 94 3.93 16.62 14.35
C CYS C 94 3.46 17.44 13.16
N LEU C 95 4.37 18.27 12.66
CA LEU C 95 4.08 19.17 11.55
C LEU C 95 5.40 19.42 10.81
N SER C 96 5.35 19.45 9.48
CA SER C 96 6.55 19.69 8.68
C SER C 96 7.39 20.82 9.25
N ILE C 97 6.78 21.98 9.49
CA ILE C 97 7.51 23.13 10.02
C ILE C 97 8.01 22.98 11.46
N LEU C 98 7.58 21.94 12.16
CA LEU C 98 8.04 21.75 13.52
C LEU C 98 9.14 20.70 13.55
N GLU C 99 9.96 20.72 12.51
CA GLU C 99 11.06 19.78 12.37
C GLU C 99 12.18 20.39 11.57
N GLU C 100 13.40 20.32 12.11
CA GLU C 100 14.56 20.86 11.42
C GLU C 100 14.75 20.14 10.09
N ASP C 101 14.83 18.82 10.14
CA ASP C 101 15.03 18.01 8.94
C ASP C 101 13.89 18.11 7.94
N LYS C 102 13.26 19.28 7.87
CA LYS C 102 12.18 19.45 6.93
C LYS C 102 11.80 20.91 6.65
N ASP C 103 10.53 21.22 6.82
CA ASP C 103 10.03 22.55 6.52
C ASP C 103 10.20 23.67 7.56
N TRP C 104 11.00 23.45 8.59
CA TRP C 104 11.21 24.52 9.57
C TRP C 104 12.18 25.52 8.97
N ARG C 105 12.33 26.66 9.64
CA ARG C 105 13.23 27.75 9.24
C ARG C 105 13.25 28.73 10.42
N PRO C 106 14.31 29.55 10.53
CA PRO C 106 14.35 30.50 11.64
C PRO C 106 13.33 31.60 11.46
N ALA C 107 13.32 32.21 10.28
CA ALA C 107 12.39 33.29 9.95
C ALA C 107 11.00 33.07 10.51
N ILE C 108 10.49 31.85 10.35
CA ILE C 108 9.15 31.49 10.81
C ILE C 108 8.90 31.95 12.24
N THR C 109 7.74 32.58 12.44
CA THR C 109 7.38 33.08 13.76
C THR C 109 6.25 32.30 14.42
N ILE C 110 6.15 32.48 15.73
CA ILE C 110 5.14 31.83 16.55
C ILE C 110 3.76 31.80 15.88
N LYS C 111 3.33 32.95 15.39
CA LYS C 111 2.03 33.09 14.72
C LYS C 111 1.86 32.07 13.60
N GLN C 112 2.86 31.97 12.72
CA GLN C 112 2.82 31.03 11.61
C GLN C 112 2.77 29.59 12.12
N ILE C 113 3.37 29.36 13.28
CA ILE C 113 3.36 28.04 13.85
C ILE C 113 1.93 27.72 14.29
N LEU C 114 1.44 28.48 15.26
CA LEU C 114 0.09 28.27 15.77
C LEU C 114 -0.94 28.23 14.67
N LEU C 115 -0.70 28.96 13.58
CA LEU C 115 -1.63 28.98 12.47
C LEU C 115 -1.55 27.70 11.65
N GLY C 116 -0.32 27.21 11.45
CA GLY C 116 -0.12 25.98 10.71
C GLY C 116 -0.78 24.85 11.47
N ILE C 117 -0.76 24.96 12.79
CA ILE C 117 -1.37 23.94 13.64
C ILE C 117 -2.90 24.01 13.59
N GLN C 118 -3.44 25.21 13.40
CA GLN C 118 -4.89 25.35 13.31
C GLN C 118 -5.37 24.70 12.03
N GLU C 119 -4.53 24.78 11.01
CA GLU C 119 -4.81 24.20 9.71
C GLU C 119 -4.73 22.69 9.81
N LEU C 120 -3.81 22.24 10.65
CA LEU C 120 -3.59 20.81 10.85
C LEU C 120 -4.75 20.09 11.50
N LEU C 121 -5.42 20.76 12.43
CA LEU C 121 -6.53 20.13 13.13
C LEU C 121 -7.56 19.50 12.19
N ASN C 122 -7.96 20.23 11.16
CA ASN C 122 -8.97 19.73 10.24
C ASN C 122 -8.41 19.08 8.98
N GLU C 123 -7.12 19.29 8.72
CA GLU C 123 -6.47 18.74 7.54
C GLU C 123 -5.28 17.91 7.97
N PRO C 124 -5.54 16.74 8.56
CA PRO C 124 -4.47 15.86 9.02
C PRO C 124 -3.63 15.27 7.90
N ASN C 125 -2.34 15.05 8.19
CA ASN C 125 -1.44 14.45 7.22
C ASN C 125 -1.57 12.95 7.48
N ILE C 126 -2.50 12.32 6.78
CA ILE C 126 -2.76 10.91 6.96
C ILE C 126 -1.62 9.94 6.66
N GLN C 127 -0.76 10.26 5.71
CA GLN C 127 0.32 9.35 5.38
C GLN C 127 1.32 9.07 6.51
N ASP C 128 1.43 9.98 7.48
CA ASP C 128 2.41 9.80 8.55
C ASP C 128 1.85 10.14 9.94
N PRO C 129 1.11 9.19 10.55
CA PRO C 129 0.47 9.27 11.87
C PRO C 129 1.42 9.41 13.06
N ALA C 130 0.88 9.97 14.13
CA ALA C 130 1.64 10.13 15.36
C ALA C 130 0.96 9.25 16.39
N GLN C 131 -0.28 8.84 16.11
CA GLN C 131 -0.97 7.96 17.04
C GLN C 131 -1.82 6.88 16.39
N ALA C 132 -1.92 5.75 17.09
CA ALA C 132 -2.67 4.62 16.60
C ALA C 132 -4.18 4.81 16.57
N GLU C 133 -4.77 5.30 17.65
CA GLU C 133 -6.23 5.45 17.69
C GLU C 133 -6.89 6.41 16.68
N ALA C 134 -6.49 7.68 16.66
CA ALA C 134 -7.13 8.59 15.72
C ALA C 134 -6.90 8.09 14.30
N TYR C 135 -5.69 7.61 14.02
CA TYR C 135 -5.39 7.13 12.68
C TYR C 135 -6.35 6.03 12.26
N THR C 136 -6.45 5.01 13.08
CA THR C 136 -7.34 3.89 12.82
C THR C 136 -8.76 4.34 12.50
N ILE C 137 -9.38 5.05 13.44
CA ILE C 137 -10.75 5.51 13.26
C ILE C 137 -10.98 6.44 12.07
N TYR C 138 -9.98 7.21 11.70
CA TYR C 138 -10.11 8.11 10.57
C TYR C 138 -10.32 7.32 9.29
N CYS C 139 -9.57 6.24 9.17
CA CYS C 139 -9.58 5.38 8.00
C CYS C 139 -10.72 4.39 7.89
N GLN C 140 -10.94 3.65 8.97
CA GLN C 140 -11.96 2.62 8.96
C GLN C 140 -13.30 3.08 9.50
N ASN C 141 -13.53 4.38 9.58
CA ASN C 141 -14.80 4.87 10.11
C ASN C 141 -14.87 6.38 10.19
N ARG C 142 -14.80 7.07 9.05
CA ARG C 142 -14.84 8.53 9.04
C ARG C 142 -15.97 9.08 9.90
N VAL C 143 -17.15 8.47 9.80
CA VAL C 143 -18.31 8.88 10.58
C VAL C 143 -17.94 8.98 12.06
N GLU C 144 -17.38 7.90 12.61
CA GLU C 144 -16.97 7.86 14.02
C GLU C 144 -15.94 8.94 14.32
N TYR C 145 -14.99 9.12 13.41
CA TYR C 145 -13.95 10.12 13.57
C TYR C 145 -14.62 11.48 13.74
N GLU C 146 -15.56 11.76 12.84
CA GLU C 146 -16.30 13.02 12.88
C GLU C 146 -16.90 13.20 14.26
N LYS C 147 -17.67 12.21 14.68
CA LYS C 147 -18.33 12.24 15.97
C LYS C 147 -17.35 12.62 17.08
N ARG C 148 -16.30 11.83 17.26
CA ARG C 148 -15.33 12.13 18.30
C ARG C 148 -14.66 13.50 18.16
N VAL C 149 -14.47 13.96 16.93
CA VAL C 149 -13.83 15.25 16.74
C VAL C 149 -14.67 16.35 17.36
N ARG C 150 -15.96 16.33 17.10
CA ARG C 150 -16.87 17.35 17.63
C ARG C 150 -17.04 17.23 19.14
N ALA C 151 -17.14 16.01 19.64
CA ALA C 151 -17.30 15.80 21.07
C ALA C 151 -16.06 16.39 21.75
N GLN C 152 -14.93 16.29 21.06
CA GLN C 152 -13.68 16.82 21.59
C GLN C 152 -13.70 18.34 21.47
N ALA C 153 -14.44 18.84 20.49
CA ALA C 153 -14.52 20.27 20.28
C ALA C 153 -15.53 20.89 21.22
N LYS C 154 -16.55 20.13 21.56
CA LYS C 154 -17.55 20.64 22.48
C LYS C 154 -16.91 20.67 23.86
N LYS C 155 -16.09 19.66 24.14
CA LYS C 155 -15.42 19.56 25.43
C LYS C 155 -14.49 20.73 25.69
N PHE C 156 -13.52 20.94 24.81
CA PHE C 156 -12.55 22.02 24.99
C PHE C 156 -13.06 23.40 24.61
N ALA C 157 -14.37 23.60 24.70
CA ALA C 157 -14.95 24.90 24.37
C ALA C 157 -15.27 25.65 25.66
N PRO C 158 -14.91 26.94 25.75
CA PRO C 158 -15.21 27.67 26.98
C PRO C 158 -16.69 27.52 27.35
N SER C 159 -16.94 26.92 28.50
CA SER C 159 -18.29 26.70 28.97
C SER C 159 -18.68 27.75 30.01
N ASP D 17 21.62 -19.88 29.74
CA ASP D 17 20.32 -19.60 30.42
C ASP D 17 19.26 -19.03 29.49
N LEU D 18 18.14 -18.59 30.05
CA LEU D 18 17.08 -18.03 29.23
C LEU D 18 17.46 -16.62 28.80
N SER D 19 18.13 -15.90 29.70
CA SER D 19 18.57 -14.55 29.42
C SER D 19 19.66 -14.55 28.36
N THR D 20 20.39 -15.65 28.27
CA THR D 20 21.44 -15.74 27.26
C THR D 20 20.72 -15.80 25.91
N PHE D 21 19.59 -16.50 25.90
CA PHE D 21 18.78 -16.64 24.70
C PHE D 21 18.15 -15.31 24.31
N LEU D 22 17.57 -14.64 25.30
CA LEU D 22 16.93 -13.35 25.07
C LEU D 22 17.91 -12.33 24.54
N SER D 23 19.19 -12.52 24.84
CA SER D 23 20.22 -11.59 24.40
C SER D 23 20.68 -11.83 22.97
N PHE D 24 20.64 -13.09 22.54
CA PHE D 24 21.04 -13.47 21.20
C PHE D 24 20.16 -14.59 20.67
N PRO D 25 18.86 -14.32 20.49
CA PRO D 25 17.89 -15.30 20.00
C PRO D 25 18.29 -16.06 18.74
N SER D 26 17.76 -17.27 18.61
CA SER D 26 17.99 -18.14 17.46
C SER D 26 17.08 -19.34 17.64
N PRO D 27 16.58 -19.91 16.54
CA PRO D 27 15.67 -21.08 16.62
C PRO D 27 16.30 -22.17 17.49
N GLU D 28 17.61 -22.31 17.35
CA GLU D 28 18.40 -23.30 18.08
C GLU D 28 18.35 -23.13 19.60
N LYS D 29 18.84 -22.00 20.07
CA LYS D 29 18.86 -21.72 21.50
C LYS D 29 17.49 -21.89 22.14
N LEU D 30 16.42 -21.69 21.36
CA LEU D 30 15.09 -21.83 21.91
C LEU D 30 14.77 -23.31 22.08
N LEU D 31 15.01 -24.08 21.03
CA LEU D 31 14.77 -25.51 21.07
C LEU D 31 15.66 -26.09 22.15
N ARG D 32 16.95 -25.81 22.00
CA ARG D 32 17.98 -26.27 22.92
C ARG D 32 17.79 -25.63 24.31
N LEU D 33 16.54 -25.34 24.66
CA LEU D 33 16.25 -24.72 25.95
C LEU D 33 15.17 -25.51 26.67
N GLY D 34 14.73 -26.60 26.05
CA GLY D 34 13.73 -27.46 26.64
C GLY D 34 12.34 -26.89 26.87
N PRO D 35 11.35 -27.78 27.10
CA PRO D 35 9.93 -27.49 27.34
C PRO D 35 9.62 -26.38 28.34
N LYS D 36 10.37 -26.34 29.44
CA LYS D 36 10.15 -25.34 30.47
C LYS D 36 10.22 -23.89 29.99
N VAL D 37 10.79 -23.67 28.81
CA VAL D 37 10.93 -22.32 28.26
C VAL D 37 9.60 -21.58 28.22
N SER D 38 8.51 -22.34 28.22
CA SER D 38 7.18 -21.78 28.18
C SER D 38 6.77 -21.29 29.56
N VAL D 39 7.39 -21.84 30.59
CA VAL D 39 7.07 -21.45 31.97
C VAL D 39 8.09 -20.42 32.47
N LEU D 40 9.29 -20.48 31.89
CA LEU D 40 10.35 -19.55 32.25
C LEU D 40 9.98 -18.10 31.90
N ILE D 41 9.90 -17.81 30.60
CA ILE D 41 9.58 -16.47 30.13
C ILE D 41 8.36 -15.85 30.80
N VAL D 42 7.41 -16.69 31.19
CA VAL D 42 6.20 -16.21 31.85
C VAL D 42 6.54 -15.62 33.22
N GLN D 43 7.70 -16.00 33.74
CA GLN D 43 8.16 -15.50 35.02
C GLN D 43 9.40 -14.65 34.78
N GLN D 44 10.31 -15.20 33.98
CA GLN D 44 11.55 -14.52 33.61
C GLN D 44 11.35 -13.10 33.13
N THR D 45 10.11 -12.76 32.77
CA THR D 45 9.78 -11.43 32.27
C THR D 45 8.61 -10.82 33.05
N ASP D 46 8.62 -9.49 33.19
CA ASP D 46 7.56 -8.79 33.90
C ASP D 46 6.27 -8.80 33.08
N THR D 47 5.49 -9.87 33.26
CA THR D 47 4.25 -10.06 32.53
C THR D 47 3.18 -8.99 32.74
N SER D 48 3.53 -7.87 33.33
CA SER D 48 2.57 -6.80 33.55
C SER D 48 3.10 -5.47 33.05
N ASP D 49 4.24 -5.54 32.36
CA ASP D 49 4.85 -4.34 31.80
C ASP D 49 4.77 -4.44 30.28
N PRO D 50 4.02 -3.52 29.63
CA PRO D 50 3.89 -3.52 28.18
C PRO D 50 5.21 -3.50 27.42
N GLU D 51 6.04 -2.50 27.70
CA GLU D 51 7.34 -2.38 27.04
C GLU D 51 8.10 -3.69 27.25
N LYS D 52 8.02 -4.26 28.45
CA LYS D 52 8.72 -5.52 28.73
C LYS D 52 8.19 -6.66 27.86
N VAL D 53 6.87 -6.80 27.80
CA VAL D 53 6.28 -7.87 27.00
C VAL D 53 6.61 -7.73 25.52
N VAL D 54 6.53 -6.51 24.98
CA VAL D 54 6.85 -6.32 23.57
C VAL D 54 8.26 -6.81 23.30
N SER D 55 9.14 -6.67 24.28
CA SER D 55 10.51 -7.11 24.10
C SER D 55 10.65 -8.62 24.12
N ALA D 56 9.90 -9.29 24.99
CA ALA D 56 9.95 -10.75 25.06
C ALA D 56 9.34 -11.28 23.78
N PHE D 57 8.12 -10.82 23.52
CA PHE D 57 7.36 -11.21 22.34
C PHE D 57 8.19 -11.08 21.06
N LEU D 58 8.73 -9.89 20.81
CA LEU D 58 9.51 -9.71 19.59
C LEU D 58 10.72 -10.63 19.44
N LYS D 59 11.52 -10.77 20.49
CA LYS D 59 12.68 -11.64 20.45
C LYS D 59 12.25 -13.09 20.19
N VAL D 60 11.28 -13.57 20.95
CA VAL D 60 10.78 -14.93 20.77
C VAL D 60 10.23 -15.11 19.37
N ALA D 61 9.57 -14.07 18.88
CA ALA D 61 8.97 -14.12 17.55
C ALA D 61 10.00 -13.99 16.44
N SER D 62 11.15 -13.36 16.71
CA SER D 62 12.16 -13.21 15.68
C SER D 62 12.70 -14.58 15.31
N VAL D 63 12.57 -15.52 16.23
CA VAL D 63 13.05 -16.89 16.07
C VAL D 63 12.11 -17.83 15.31
N PHE D 64 10.87 -17.42 15.11
CA PHE D 64 9.91 -18.23 14.39
C PHE D 64 10.48 -18.75 13.08
N ARG D 65 10.07 -19.95 12.72
CA ARG D 65 10.51 -20.61 11.48
C ARG D 65 9.41 -21.58 11.04
N ASP D 66 9.42 -21.95 9.75
CA ASP D 66 8.41 -22.86 9.21
C ASP D 66 8.56 -24.27 9.77
N ASP D 67 9.76 -24.64 10.18
CA ASP D 67 9.98 -25.97 10.73
C ASP D 67 9.12 -26.25 11.96
N ALA D 68 8.32 -27.31 11.86
CA ALA D 68 7.42 -27.75 12.94
C ALA D 68 8.03 -27.60 14.34
N SER D 69 9.14 -28.28 14.56
CA SER D 69 9.84 -28.26 15.85
C SER D 69 9.95 -26.84 16.41
N VAL D 70 10.57 -25.94 15.65
CA VAL D 70 10.69 -24.57 16.12
C VAL D 70 9.31 -23.90 16.27
N LYS D 71 8.54 -23.87 15.18
CA LYS D 71 7.22 -23.26 15.16
C LYS D 71 6.48 -23.54 16.46
N THR D 72 6.25 -24.83 16.72
CA THR D 72 5.55 -25.28 17.92
C THR D 72 6.08 -24.64 19.21
N ALA D 73 7.40 -24.64 19.35
CA ALA D 73 8.02 -24.05 20.52
C ALA D 73 7.65 -22.57 20.61
N VAL D 74 7.95 -21.82 19.55
CA VAL D 74 7.65 -20.40 19.50
C VAL D 74 6.20 -20.08 19.86
N LEU D 75 5.26 -20.66 19.11
CA LEU D 75 3.85 -20.40 19.38
C LEU D 75 3.51 -20.75 20.83
N ASP D 76 4.00 -21.91 21.28
CA ASP D 76 3.75 -22.34 22.64
C ASP D 76 4.24 -21.29 23.64
N ALA D 77 5.44 -20.75 23.39
CA ALA D 77 6.01 -19.71 24.25
C ALA D 77 5.13 -18.46 24.18
N ILE D 78 4.99 -17.93 22.96
CA ILE D 78 4.18 -16.74 22.72
C ILE D 78 2.84 -16.86 23.42
N ASP D 79 2.11 -17.94 23.12
CA ASP D 79 0.81 -18.14 23.73
C ASP D 79 0.94 -18.09 25.25
N ALA D 80 1.88 -18.88 25.78
CA ALA D 80 2.08 -18.91 27.22
C ALA D 80 2.16 -17.49 27.76
N LEU D 81 3.09 -16.74 27.19
CA LEU D 81 3.35 -15.37 27.56
C LEU D 81 2.17 -14.41 27.47
N MET D 82 1.71 -14.13 26.26
CA MET D 82 0.61 -13.20 26.06
C MET D 82 -0.64 -13.55 26.82
N LYS D 83 -0.98 -14.84 26.86
CA LYS D 83 -2.18 -15.22 27.57
C LYS D 83 -2.12 -14.57 28.93
N LYS D 84 -0.98 -14.73 29.60
CA LYS D 84 -0.80 -14.13 30.92
C LYS D 84 -0.87 -12.61 30.89
N ALA D 85 0.09 -11.99 30.20
CA ALA D 85 0.13 -10.54 30.10
C ALA D 85 -1.24 -9.95 29.80
N PHE D 86 -1.99 -10.58 28.89
CA PHE D 86 -3.33 -10.10 28.54
C PHE D 86 -4.34 -10.28 29.65
N SER D 87 -4.18 -11.35 30.44
CA SER D 87 -5.08 -11.63 31.56
C SER D 87 -4.84 -10.63 32.69
N CYS D 88 -3.57 -10.32 32.91
CA CYS D 88 -3.18 -9.39 33.96
C CYS D 88 -3.92 -8.06 33.77
N SER D 89 -4.94 -7.84 34.59
CA SER D 89 -5.74 -6.62 34.48
C SER D 89 -4.96 -5.31 34.62
N SER D 90 -3.76 -5.39 35.18
CA SER D 90 -2.94 -4.20 35.33
C SER D 90 -2.10 -3.98 34.07
N PHE D 91 -2.36 -4.80 33.06
CA PHE D 91 -1.65 -4.74 31.78
C PHE D 91 -2.46 -3.92 30.77
N ASN D 92 -1.88 -2.81 30.31
CA ASN D 92 -2.56 -1.94 29.35
C ASN D 92 -2.37 -2.45 27.91
N SER D 93 -3.32 -3.27 27.46
CA SER D 93 -3.28 -3.87 26.12
C SER D 93 -3.10 -2.87 24.98
N ASN D 94 -3.64 -1.68 25.15
CA ASN D 94 -3.52 -0.66 24.13
C ASN D 94 -2.09 -0.15 24.01
N THR D 95 -1.38 -0.09 25.13
CA THR D 95 -0.02 0.39 25.14
C THR D 95 0.88 -0.67 24.55
N PHE D 96 0.53 -1.93 24.79
CA PHE D 96 1.29 -3.03 24.24
C PHE D 96 1.27 -3.00 22.70
N LEU D 97 0.07 -2.93 22.14
CA LEU D 97 -0.11 -2.90 20.69
C LEU D 97 0.57 -1.69 20.07
N THR D 98 0.41 -0.54 20.73
CA THR D 98 0.99 0.73 20.28
C THR D 98 2.51 0.63 20.29
N ARG D 99 3.04 0.15 21.41
CA ARG D 99 4.46 -0.04 21.60
C ARG D 99 4.98 -1.09 20.62
N LEU D 100 4.17 -2.12 20.40
CA LEU D 100 4.52 -3.18 19.46
C LEU D 100 4.71 -2.63 18.04
N LEU D 101 3.76 -1.80 17.61
CA LEU D 101 3.81 -1.21 16.28
C LEU D 101 5.04 -0.34 16.08
N ILE D 102 5.39 0.39 17.12
CA ILE D 102 6.55 1.26 17.05
C ILE D 102 7.78 0.41 16.90
N HIS D 103 7.91 -0.59 17.78
CA HIS D 103 9.04 -1.47 17.72
C HIS D 103 9.12 -2.22 16.40
N MET D 104 7.98 -2.44 15.76
CA MET D 104 7.98 -3.14 14.46
C MET D 104 8.21 -2.15 13.33
N GLY D 105 8.28 -0.86 13.69
CA GLY D 105 8.51 0.17 12.70
C GLY D 105 7.34 0.57 11.80
N LEU D 106 6.14 0.16 12.15
CA LEU D 106 4.95 0.49 11.38
C LEU D 106 4.36 1.84 11.81
N LEU D 107 4.70 2.26 13.02
CA LEU D 107 4.21 3.50 13.61
C LEU D 107 5.37 4.27 14.21
N LYS D 108 5.55 5.52 13.79
CA LYS D 108 6.65 6.32 14.30
C LYS D 108 6.46 6.69 15.76
N SER D 109 7.57 6.97 16.43
CA SER D 109 7.51 7.35 17.85
C SER D 109 8.32 8.61 18.08
N GLU D 110 7.97 9.32 19.14
CA GLU D 110 8.63 10.57 19.50
C GLU D 110 10.09 10.22 19.81
N ASP D 111 10.26 9.31 20.76
CA ASP D 111 11.57 8.83 21.17
C ASP D 111 12.06 7.86 20.11
N LYS D 112 12.61 8.42 19.03
CA LYS D 112 13.11 7.66 17.90
C LYS D 112 13.64 6.28 18.31
N ILE D 113 12.83 5.26 18.05
CA ILE D 113 13.14 3.88 18.39
C ILE D 113 13.55 3.07 17.16
N LYS D 114 14.54 2.20 17.34
CA LYS D 114 15.03 1.34 16.28
C LYS D 114 14.05 0.19 16.07
N ALA D 115 13.70 -0.05 14.81
CA ALA D 115 12.77 -1.12 14.50
C ALA D 115 13.52 -2.43 14.30
N ILE D 116 12.82 -3.53 14.51
CA ILE D 116 13.40 -4.85 14.32
C ILE D 116 13.63 -4.93 12.81
N PRO D 117 14.76 -5.52 12.39
CA PRO D 117 15.11 -5.66 10.97
C PRO D 117 14.22 -6.56 10.12
N SER D 118 13.53 -7.49 10.77
CA SER D 118 12.67 -8.43 10.05
C SER D 118 11.29 -8.56 10.67
N LEU D 119 10.26 -8.40 9.84
CA LEU D 119 8.88 -8.49 10.30
C LEU D 119 8.18 -9.82 10.01
N HIS D 120 8.87 -10.73 9.32
CA HIS D 120 8.26 -12.01 9.00
C HIS D 120 7.87 -12.81 10.25
N GLY D 121 8.78 -12.93 11.20
CA GLY D 121 8.50 -13.68 12.43
C GLY D 121 7.28 -13.14 13.14
N PRO D 122 7.29 -11.85 13.51
CA PRO D 122 6.16 -11.23 14.20
C PRO D 122 4.87 -11.34 13.41
N LEU D 123 4.94 -11.05 12.12
CA LEU D 123 3.74 -11.13 11.29
C LEU D 123 3.19 -12.55 11.28
N MET D 124 4.08 -13.53 11.18
CA MET D 124 3.62 -14.91 11.19
C MET D 124 3.03 -15.25 12.56
N VAL D 125 3.67 -14.73 13.61
CA VAL D 125 3.23 -14.98 14.97
C VAL D 125 1.97 -14.20 15.34
N LEU D 126 1.82 -12.99 14.80
CA LEU D 126 0.63 -12.20 15.13
C LEU D 126 -0.64 -12.88 14.63
N ASN D 127 -0.57 -13.48 13.45
CA ASN D 127 -1.74 -14.14 12.90
C ASN D 127 -2.22 -15.21 13.88
N HIS D 128 -1.28 -15.96 14.45
CA HIS D 128 -1.63 -16.98 15.42
C HIS D 128 -2.30 -16.30 16.62
N VAL D 129 -1.58 -15.37 17.24
CA VAL D 129 -2.09 -14.67 18.41
C VAL D 129 -3.50 -14.13 18.25
N VAL D 130 -3.69 -13.32 17.22
CA VAL D 130 -4.99 -12.71 16.95
C VAL D 130 -6.13 -13.72 16.77
N ARG D 131 -5.77 -14.95 16.43
CA ARG D 131 -6.78 -15.99 16.24
C ARG D 131 -7.17 -16.61 17.58
N GLN D 132 -6.37 -16.38 18.60
CA GLN D 132 -6.66 -16.93 19.92
C GLN D 132 -7.77 -16.17 20.65
N ASP D 133 -8.27 -16.76 21.73
CA ASP D 133 -9.32 -16.12 22.52
C ASP D 133 -8.72 -15.16 23.52
N TYR D 134 -7.49 -15.45 23.93
CA TYR D 134 -6.81 -14.60 24.89
C TYR D 134 -6.48 -13.24 24.30
N PHE D 135 -6.81 -13.05 23.03
CA PHE D 135 -6.55 -11.77 22.35
C PHE D 135 -7.78 -10.87 22.33
N PRO D 136 -7.67 -9.67 22.92
CA PRO D 136 -8.78 -8.71 22.97
C PRO D 136 -9.13 -8.14 21.59
N LYS D 137 -10.28 -8.55 21.08
CA LYS D 137 -10.79 -8.14 19.78
C LYS D 137 -10.71 -6.63 19.49
N ALA D 138 -10.79 -5.83 20.54
CA ALA D 138 -10.75 -4.38 20.38
C ALA D 138 -9.42 -3.90 19.83
N LEU D 139 -8.38 -4.73 19.89
CA LEU D 139 -7.09 -4.33 19.36
C LEU D 139 -7.01 -4.59 17.87
N ALA D 140 -7.84 -5.51 17.39
CA ALA D 140 -7.85 -5.91 15.98
C ALA D 140 -7.71 -4.78 14.96
N PRO D 141 -8.67 -3.83 14.92
CA PRO D 141 -8.62 -2.73 13.96
C PRO D 141 -7.37 -1.85 13.97
N LEU D 142 -6.80 -1.66 15.15
CA LEU D 142 -5.59 -0.86 15.26
C LEU D 142 -4.45 -1.61 14.60
N LEU D 143 -4.39 -2.91 14.83
CA LEU D 143 -3.34 -3.71 14.21
C LEU D 143 -3.61 -3.69 12.71
N LEU D 144 -4.86 -3.98 12.35
CA LEU D 144 -5.28 -3.98 10.97
C LEU D 144 -4.81 -2.71 10.26
N ALA D 145 -5.12 -1.57 10.84
CA ALA D 145 -4.76 -0.28 10.26
C ALA D 145 -3.28 -0.09 9.94
N PHE D 146 -2.39 -0.61 10.76
CA PHE D 146 -0.97 -0.43 10.47
C PHE D 146 -0.33 -1.58 9.68
N VAL D 147 -1.11 -2.64 9.49
CA VAL D 147 -0.64 -3.77 8.72
C VAL D 147 -1.11 -3.53 7.29
N THR D 148 -2.37 -3.08 7.16
CA THR D 148 -2.99 -2.80 5.86
C THR D 148 -2.65 -1.39 5.38
N LYS D 149 -1.78 -0.72 6.12
CA LYS D 149 -1.40 0.63 5.73
C LYS D 149 -0.60 0.56 4.44
N PRO D 150 -1.05 1.29 3.41
CA PRO D 150 -0.30 1.27 2.15
C PRO D 150 0.93 2.17 2.25
N ASN D 151 1.88 1.98 1.35
CA ASN D 151 3.09 2.78 1.36
C ASN D 151 3.68 2.90 2.75
N GLY D 152 3.67 1.78 3.48
CA GLY D 152 4.22 1.75 4.82
C GLY D 152 5.51 0.97 4.84
N ALA D 153 6.11 0.84 6.01
CA ALA D 153 7.36 0.12 6.13
C ALA D 153 7.19 -1.36 5.73
N LEU D 154 5.96 -1.85 5.84
CA LEU D 154 5.65 -3.25 5.51
C LEU D 154 5.83 -3.55 4.01
N GLU D 155 6.61 -4.59 3.73
CA GLU D 155 6.94 -5.05 2.37
C GLU D 155 6.03 -4.53 1.27
N THR D 156 5.26 -5.43 0.65
CA THR D 156 4.36 -5.03 -0.44
C THR D 156 3.38 -6.13 -0.86
N CYS D 157 3.66 -7.36 -0.45
CA CYS D 157 2.78 -8.47 -0.78
C CYS D 157 3.50 -9.75 -0.39
N SER D 158 3.08 -10.31 0.74
CA SER D 158 3.67 -11.54 1.24
C SER D 158 2.57 -12.40 1.85
N PHE D 159 2.84 -13.68 1.99
CA PHE D 159 1.88 -14.61 2.55
C PHE D 159 1.48 -14.18 3.96
N ALA D 160 2.48 -13.86 4.77
CA ALA D 160 2.26 -13.44 6.14
C ALA D 160 1.27 -12.29 6.25
N ARG D 161 1.48 -11.25 5.43
CA ARG D 161 0.61 -10.06 5.45
C ARG D 161 -0.79 -10.37 4.95
N HIS D 162 -0.87 -11.25 3.97
CA HIS D 162 -2.18 -11.59 3.41
C HIS D 162 -2.96 -12.44 4.40
N ASN D 163 -2.31 -13.46 4.95
CA ASN D 163 -3.01 -14.31 5.89
C ASN D 163 -3.48 -13.49 7.09
N LEU D 164 -2.60 -12.63 7.59
CA LEU D 164 -2.93 -11.78 8.72
C LEU D 164 -4.11 -10.86 8.38
N LEU D 165 -3.96 -10.06 7.33
CA LEU D 165 -5.04 -9.15 6.95
C LEU D 165 -6.37 -9.86 6.81
N GLN D 166 -6.35 -11.05 6.24
CA GLN D 166 -7.59 -11.78 6.06
C GLN D 166 -8.23 -12.13 7.39
N THR D 167 -7.43 -12.41 8.41
CA THR D 167 -7.98 -12.72 9.73
C THR D 167 -8.54 -11.43 10.33
N LEU D 168 -7.72 -10.38 10.32
CA LEU D 168 -8.14 -9.10 10.88
C LEU D 168 -9.41 -8.57 10.21
N TYR D 169 -9.55 -8.78 8.91
CA TYR D 169 -10.74 -8.32 8.21
C TYR D 169 -11.92 -9.21 8.57
N ASN D 170 -11.65 -10.50 8.69
CA ASN D 170 -12.66 -11.49 9.02
C ASN D 170 -13.21 -11.24 10.42
N ILE D 171 -12.29 -11.05 11.37
CA ILE D 171 -12.64 -10.81 12.77
C ILE D 171 -13.68 -9.70 12.96
S SO4 E . -9.16 10.90 -4.98
O1 SO4 E . -8.62 9.63 -5.49
O2 SO4 E . -8.63 12.03 -5.77
O3 SO4 E . -8.76 11.06 -3.56
O4 SO4 E . -10.64 10.88 -5.05
S SO4 F . -29.24 -8.13 -26.21
O1 SO4 F . -29.39 -9.22 -27.17
O2 SO4 F . -28.33 -7.10 -26.74
O3 SO4 F . -28.70 -8.66 -24.94
O4 SO4 F . -30.57 -7.51 -25.95
S SO4 G . -11.36 31.42 13.44
O1 SO4 G . -10.40 30.63 12.65
O2 SO4 G . -12.18 32.25 12.54
O3 SO4 G . -10.63 32.28 14.38
O4 SO4 G . -12.24 30.50 14.20
S SO4 H . 10.98 -9.66 5.94
O1 SO4 H . 11.14 -8.58 6.94
O2 SO4 H . 11.34 -10.95 6.54
O3 SO4 H . 11.86 -9.39 4.78
O4 SO4 H . 9.57 -9.69 5.49
#